data_7DNU
#
_entry.id   7DNU
#
_cell.length_a   48.432
_cell.length_b   48.432
_cell.length_c   220.077
_cell.angle_alpha   90.000
_cell.angle_beta   90.000
_cell.angle_gamma   90.000
#
_symmetry.space_group_name_H-M   'P 41 2 2'
#
loop_
_entity.id
_entity.type
_entity.pdbx_description
1 polymer 'mRNA-decapping protein g5R'
2 non-polymer 'INOSITOL HEXAKISPHOSPHATE'
3 water water
#
_entity_poly.entity_id   1
_entity_poly.type   'polypeptide(L)'
_entity_poly.pdbx_seq_one_letter_code
;MDTAMQLKTSIGLITCRMNTQNNQIETILVQKRYSLAFSEFIHCHYSINANQGHLIKMFNNMTINERLLVKTLDFDRMWY
HIWIETPVYELYHKKYQKFRKNWLLPDNGKKLISLINQAKGSGTLLWEIPKGKPKEDESDLTCAIREFEEETGITREYYQ
ILPEFKKSMSYFDGKTEYKHIYFLAMLCKSLEEPNMNLSLQYENRIAEISKISWQNMEAVRFISKRQSFNLEPMIGPAFN
FIKNYLRYKH
;
_entity_poly.pdbx_strand_id   A
#
# COMPACT_ATOMS: atom_id res chain seq x y z
N ASP A 2 13.24 -21.11 1.84
CA ASP A 2 13.61 -21.38 3.22
C ASP A 2 12.44 -21.85 4.07
N THR A 3 12.69 -21.86 5.37
CA THR A 3 11.68 -22.06 6.39
C THR A 3 10.75 -20.85 6.45
N ALA A 4 9.56 -20.96 5.88
CA ALA A 4 8.55 -19.93 6.08
C ALA A 4 7.95 -20.13 7.48
N MET A 5 8.06 -19.10 8.32
CA MET A 5 7.51 -19.15 9.67
C MET A 5 6.13 -18.54 9.73
N GLN A 6 5.56 -18.17 8.60
CA GLN A 6 4.38 -17.32 8.60
C GLN A 6 3.84 -17.23 7.18
N LEU A 7 2.52 -17.27 7.04
CA LEU A 7 1.86 -17.04 5.76
C LEU A 7 0.87 -15.89 5.92
N LYS A 8 0.95 -14.91 5.02
CA LYS A 8 0.05 -13.77 5.03
C LYS A 8 -0.68 -13.68 3.69
N THR A 9 -2.02 -13.76 3.73
CA THR A 9 -2.83 -13.80 2.52
C THR A 9 -3.69 -12.54 2.39
N SER A 10 -3.59 -11.86 1.25
CA SER A 10 -4.43 -10.72 0.92
C SER A 10 -5.21 -11.00 -0.35
N ILE A 11 -6.46 -10.53 -0.39
CA ILE A 11 -7.31 -10.70 -1.56
C ILE A 11 -7.71 -9.32 -2.08
N GLY A 12 -7.59 -9.12 -3.40
CA GLY A 12 -7.86 -7.84 -4.01
C GLY A 12 -8.73 -7.93 -5.26
N LEU A 13 -9.03 -6.76 -5.81
CA LEU A 13 -9.89 -6.66 -6.99
C LEU A 13 -9.23 -5.77 -8.04
N ILE A 14 -9.06 -6.30 -9.24
CA ILE A 14 -8.60 -5.53 -10.38
C ILE A 14 -9.84 -5.08 -11.12
N THR A 15 -10.17 -3.80 -11.04
CA THR A 15 -11.35 -3.24 -11.70
C THR A 15 -10.93 -2.47 -12.94
N CYS A 16 -11.52 -2.82 -14.07
CA CYS A 16 -11.08 -2.35 -15.36
C CYS A 16 -12.21 -1.62 -16.04
N ARG A 17 -11.82 -0.80 -16.99
CA ARG A 17 -12.80 -0.05 -17.78
C ARG A 17 -12.28 0.12 -19.20
N MET A 18 -13.22 0.19 -20.11
CA MET A 18 -12.95 0.64 -21.45
C MET A 18 -13.17 2.15 -21.47
N ASN A 19 -12.11 2.93 -21.62
CA ASN A 19 -12.23 4.37 -21.80
C ASN A 19 -12.73 4.62 -23.21
N THR A 20 -13.93 5.20 -23.34
CA THR A 20 -14.55 5.33 -24.66
C THR A 20 -13.87 6.38 -25.53
N GLN A 21 -13.11 7.31 -24.95
CA GLN A 21 -12.55 8.37 -25.78
C GLN A 21 -11.33 7.88 -26.56
N ASN A 22 -10.48 7.05 -25.93
CA ASN A 22 -9.26 6.59 -26.60
C ASN A 22 -9.26 5.08 -26.86
N ASN A 23 -10.36 4.40 -26.61
CA ASN A 23 -10.46 2.92 -26.65
C ASN A 23 -9.26 2.23 -26.02
N GLN A 24 -8.84 2.72 -24.85
CA GLN A 24 -7.77 2.13 -24.06
C GLN A 24 -8.36 1.44 -22.84
N ILE A 25 -7.84 0.28 -22.51
CA ILE A 25 -8.26 -0.41 -21.28
C ILE A 25 -7.53 0.23 -20.10
N GLU A 26 -8.25 0.49 -19.02
CA GLU A 26 -7.68 1.13 -17.85
C GLU A 26 -8.10 0.39 -16.58
N THR A 27 -7.26 0.46 -15.55
CA THR A 27 -7.54 -0.18 -14.27
C THR A 27 -7.34 0.79 -13.12
N ILE A 28 -8.12 0.58 -12.06
CA ILE A 28 -8.04 1.41 -10.87
C ILE A 28 -6.78 1.02 -10.10
N LEU A 29 -5.88 1.97 -9.89
CA LEU A 29 -4.79 1.75 -8.96
C LEU A 29 -4.88 2.78 -7.84
N VAL A 30 -4.29 2.48 -6.71
CA VAL A 30 -4.23 3.41 -5.59
C VAL A 30 -2.76 3.63 -5.25
N GLN A 31 -2.42 4.88 -4.93
CA GLN A 31 -1.08 5.22 -4.46
C GLN A 31 -1.07 5.34 -2.94
N LYS A 32 -0.07 4.74 -2.32
CA LYS A 32 0.05 4.75 -0.87
C LYS A 32 0.39 6.16 -0.35
N ARG A 33 0.01 6.40 0.89
CA ARG A 33 0.19 7.70 1.54
C ARG A 33 1.54 7.86 2.21
N TYR A 34 2.12 6.78 2.72
CA TYR A 34 3.41 6.84 3.40
C TYR A 34 4.23 5.63 2.96
N SER A 35 5.52 5.69 3.25
CA SER A 35 6.44 4.66 2.77
C SER A 35 6.48 3.47 3.73
N LEU A 36 6.87 2.32 3.17
CA LEU A 36 7.13 1.13 3.99
C LEU A 36 8.20 1.44 5.04
N ALA A 37 9.26 2.15 4.64
CA ALA A 37 10.34 2.47 5.57
C ALA A 37 9.84 3.25 6.79
N PHE A 38 9.03 4.29 6.56
CA PHE A 38 8.48 5.03 7.68
C PHE A 38 7.66 4.14 8.59
N SER A 39 6.75 3.35 8.00
CA SER A 39 5.94 2.45 8.82
C SER A 39 6.83 1.54 9.63
N GLU A 40 7.84 0.95 8.99
CA GLU A 40 8.71 0.02 9.69
C GLU A 40 9.46 0.71 10.82
N PHE A 41 9.86 1.96 10.61
CA PHE A 41 10.57 2.64 11.66
C PHE A 41 9.66 2.96 12.85
N ILE A 42 8.44 3.39 12.58
CA ILE A 42 7.53 3.81 13.64
C ILE A 42 7.05 2.62 14.46
N HIS A 43 6.88 1.47 13.83
CA HIS A 43 6.47 0.26 14.55
C HIS A 43 7.66 -0.56 15.01
N CYS A 44 8.88 -0.01 14.89
CA CYS A 44 10.12 -0.63 15.39
C CYS A 44 10.39 -2.01 14.78
N HIS A 45 10.23 -2.13 13.47
CA HIS A 45 10.59 -3.36 12.78
C HIS A 45 12.02 -3.27 12.23
N TYR A 46 12.94 -3.11 13.16
CA TYR A 46 14.37 -3.06 12.88
C TYR A 46 15.07 -3.46 14.18
N SER A 47 16.38 -3.59 14.11
CA SER A 47 17.21 -3.88 15.27
C SER A 47 18.04 -2.66 15.60
N ILE A 48 17.89 -2.16 16.83
CA ILE A 48 18.72 -1.06 17.28
C ILE A 48 20.20 -1.46 17.29
N ASN A 49 20.50 -2.77 17.40
CA ASN A 49 21.88 -3.26 17.40
C ASN A 49 22.49 -3.34 16.01
N ALA A 50 21.72 -3.14 14.95
CA ALA A 50 22.29 -3.30 13.61
C ALA A 50 23.30 -2.20 13.35
N ASN A 51 24.18 -2.44 12.39
CA ASN A 51 25.23 -1.48 12.07
C ASN A 51 24.64 -0.22 11.45
N GLN A 52 25.39 0.89 11.59
CA GLN A 52 24.95 2.20 11.12
C GLN A 52 24.42 2.13 9.69
N GLY A 53 25.23 1.60 8.78
CA GLY A 53 24.87 1.58 7.38
C GLY A 53 23.55 0.86 7.13
N HIS A 54 23.22 -0.11 7.99
CA HIS A 54 21.96 -0.81 7.84
C HIS A 54 20.79 0.06 8.25
N LEU A 55 20.92 0.75 9.38
CA LEU A 55 19.83 1.63 9.81
C LEU A 55 19.69 2.85 8.90
N ILE A 56 20.77 3.24 8.22
CA ILE A 56 20.68 4.39 7.31
C ILE A 56 19.86 4.03 6.09
N LYS A 57 19.97 2.79 5.62
CA LYS A 57 19.19 2.40 4.45
C LYS A 57 17.69 2.56 4.70
N MET A 58 17.28 2.30 5.95
CA MET A 58 15.89 2.52 6.35
C MET A 58 15.51 3.98 6.20
N PHE A 59 16.35 4.88 6.70
CA PHE A 59 16.05 6.30 6.57
C PHE A 59 16.16 6.76 5.13
N ASN A 60 17.05 6.15 4.33
CA ASN A 60 17.17 6.58 2.95
C ASN A 60 15.88 6.38 2.18
N ASN A 61 15.12 5.36 2.53
CA ASN A 61 13.93 4.99 1.79
C ASN A 61 12.67 5.64 2.34
N MET A 62 12.79 6.50 3.35
CA MET A 62 11.68 7.36 3.68
C MET A 62 11.63 8.52 2.69
N THR A 63 10.48 9.21 2.65
CA THR A 63 10.42 10.44 1.88
C THR A 63 11.07 11.56 2.68
N ILE A 64 11.32 12.70 2.02
CA ILE A 64 11.89 13.83 2.72
C ILE A 64 10.96 14.29 3.82
N ASN A 65 9.65 14.37 3.53
CA ASN A 65 8.71 14.85 4.54
C ASN A 65 8.67 13.93 5.74
N GLU A 66 8.77 12.62 5.51
CA GLU A 66 8.82 11.72 6.65
C GLU A 66 10.07 11.94 7.48
N ARG A 67 11.23 12.09 6.83
CA ARG A 67 12.46 12.36 7.59
C ARG A 67 12.33 13.63 8.39
N LEU A 68 11.71 14.67 7.81
CA LEU A 68 11.53 15.93 8.55
C LEU A 68 10.60 15.74 9.73
N LEU A 69 9.67 14.80 9.64
CA LEU A 69 8.84 14.47 10.79
C LEU A 69 9.64 13.78 11.88
N VAL A 70 10.48 12.80 11.51
CA VAL A 70 11.33 12.13 12.50
C VAL A 70 12.28 13.15 13.15
N LYS A 71 12.78 14.11 12.35
CA LYS A 71 13.73 15.09 12.89
C LYS A 71 13.13 15.90 14.03
N THR A 72 11.80 16.02 14.10
CA THR A 72 11.19 16.74 15.22
C THR A 72 11.32 16.02 16.55
N LEU A 73 11.61 14.71 16.54
CA LEU A 73 11.68 13.88 17.75
C LEU A 73 10.34 13.75 18.44
N ASP A 74 9.27 14.22 17.82
CA ASP A 74 7.93 14.17 18.40
C ASP A 74 7.22 12.92 17.89
N PHE A 75 7.34 11.82 18.66
CA PHE A 75 6.75 10.54 18.24
C PHE A 75 5.28 10.68 17.88
N ASP A 76 4.56 11.56 18.58
CA ASP A 76 3.13 11.66 18.33
C ASP A 76 2.84 12.36 17.01
N ARG A 77 3.72 13.24 16.57
CA ARG A 77 3.56 13.80 15.22
C ARG A 77 3.88 12.74 14.18
N MET A 78 4.91 11.92 14.44
CA MET A 78 5.19 10.77 13.59
C MET A 78 3.99 9.82 13.57
N TRP A 79 3.47 9.48 14.75
CA TRP A 79 2.39 8.50 14.85
C TRP A 79 1.15 8.97 14.10
N TYR A 80 0.80 10.24 14.26
CA TYR A 80 -0.36 10.80 13.58
C TYR A 80 -0.23 10.64 12.08
N HIS A 81 1.00 10.71 11.55
CA HIS A 81 1.20 10.65 10.12
C HIS A 81 0.66 9.35 9.55
N ILE A 82 0.83 8.26 10.28
CA ILE A 82 0.30 6.97 9.86
C ILE A 82 -1.14 6.77 10.32
N TRP A 83 -1.38 6.90 11.61
CA TRP A 83 -2.66 6.54 12.27
C TRP A 83 -3.75 7.60 12.25
N ILE A 84 -3.43 8.88 12.11
CA ILE A 84 -4.44 9.98 12.02
C ILE A 84 -5.46 9.91 13.16
N GLU A 85 -5.05 9.89 14.40
CA GLU A 85 -6.03 9.79 15.53
C GLU A 85 -6.99 8.59 15.47
N THR A 86 -6.50 7.44 15.00
CA THR A 86 -7.26 6.18 15.08
C THR A 86 -7.00 5.68 16.49
N PRO A 87 -7.99 5.25 17.28
CA PRO A 87 -7.74 4.80 18.63
C PRO A 87 -7.03 3.44 18.78
N VAL A 88 -5.72 3.46 18.92
CA VAL A 88 -4.90 2.24 19.08
C VAL A 88 -3.90 2.53 20.18
N TYR A 89 -4.37 2.89 21.36
CA TYR A 89 -3.45 3.40 22.37
C TYR A 89 -2.45 2.35 22.85
N GLU A 90 -2.91 1.13 23.12
CA GLU A 90 -1.98 0.11 23.61
C GLU A 90 -0.86 -0.19 22.60
N LEU A 91 -1.19 -0.32 21.31
CA LEU A 91 -0.14 -0.40 20.29
C LEU A 91 0.74 0.84 20.33
N TYR A 92 0.10 2.01 20.41
CA TYR A 92 0.85 3.26 20.46
C TYR A 92 1.85 3.26 21.59
N HIS A 93 1.39 2.96 22.82
CA HIS A 93 2.27 3.03 23.97
C HIS A 93 3.44 2.06 23.83
N LYS A 94 3.19 0.82 23.38
CA LYS A 94 4.27 -0.12 23.16
C LYS A 94 5.29 0.40 22.13
N LYS A 95 4.83 0.94 21.01
CA LYS A 95 5.78 1.42 20.01
C LYS A 95 6.51 2.66 20.52
N TYR A 96 5.83 3.53 21.26
CA TYR A 96 6.49 4.70 21.83
C TYR A 96 7.60 4.28 22.80
N GLN A 97 7.31 3.29 23.65
CA GLN A 97 8.31 2.80 24.59
C GLN A 97 9.59 2.38 23.89
N LYS A 98 9.47 1.68 22.76
CA LYS A 98 10.66 1.28 22.02
C LYS A 98 11.35 2.48 21.37
N PHE A 99 10.58 3.43 20.86
CA PHE A 99 11.20 4.64 20.31
C PHE A 99 11.98 5.37 21.39
N ARG A 100 11.36 5.52 22.56
CA ARG A 100 11.99 6.21 23.69
C ARG A 100 13.29 5.50 24.09
N LYS A 101 13.23 4.19 24.29
CA LYS A 101 14.40 3.46 24.74
C LYS A 101 15.48 3.44 23.65
N ASN A 102 15.10 3.24 22.38
CA ASN A 102 16.12 3.17 21.34
C ASN A 102 16.79 4.51 21.11
N TRP A 103 16.04 5.61 21.13
CA TRP A 103 16.57 6.85 20.59
C TRP A 103 16.56 8.04 21.55
N LEU A 104 15.68 8.07 22.55
CA LEU A 104 15.63 9.22 23.44
C LEU A 104 16.47 9.00 24.71
N LEU A 105 16.33 7.85 25.37
CA LEU A 105 17.07 7.66 26.61
C LEU A 105 18.58 7.63 26.44
N PRO A 106 19.17 6.98 25.42
CA PRO A 106 20.64 6.97 25.32
C PRO A 106 21.29 8.34 25.24
N ASP A 107 20.73 9.29 24.47
CA ASP A 107 21.39 10.58 24.30
C ASP A 107 20.41 11.71 23.97
N ASN A 108 19.12 11.54 24.27
CA ASN A 108 18.06 12.50 23.90
C ASN A 108 18.11 12.83 22.42
N GLY A 109 18.37 11.80 21.61
CA GLY A 109 18.05 11.84 20.21
C GLY A 109 19.14 12.31 19.29
N LYS A 110 20.38 12.44 19.77
CA LYS A 110 21.38 13.04 18.92
C LYS A 110 21.98 12.05 17.92
N LYS A 111 22.03 10.76 18.26
CA LYS A 111 22.39 9.78 17.24
C LYS A 111 21.31 9.69 16.19
N LEU A 112 20.04 9.71 16.60
CA LEU A 112 18.96 9.62 15.62
C LEU A 112 19.02 10.80 14.66
N ILE A 113 19.23 12.01 15.20
CA ILE A 113 19.28 13.20 14.34
C ILE A 113 20.46 13.12 13.38
N SER A 114 21.60 12.64 13.86
CA SER A 114 22.77 12.52 12.98
C SER A 114 22.50 11.56 11.83
N LEU A 115 21.94 10.39 12.13
CA LEU A 115 21.52 9.46 11.08
C LEU A 115 20.50 10.09 10.15
N ILE A 116 19.46 10.70 10.74
CA ILE A 116 18.44 11.33 9.91
C ILE A 116 19.07 12.39 9.02
N ASN A 117 20.06 13.12 9.54
CA ASN A 117 20.67 14.20 8.77
C ASN A 117 21.55 13.65 7.64
N GLN A 118 22.25 12.51 7.87
CA GLN A 118 23.14 11.98 6.84
C GLN A 118 22.47 11.01 5.86
N ALA A 119 21.25 10.55 6.14
CA ALA A 119 20.56 9.76 5.14
C ALA A 119 20.49 10.53 3.83
N LYS A 120 20.60 9.80 2.73
CA LYS A 120 20.63 10.41 1.40
C LYS A 120 19.52 9.80 0.55
N GLY A 121 19.00 10.62 -0.37
CA GLY A 121 17.94 10.19 -1.25
C GLY A 121 16.60 10.14 -0.53
N SER A 122 15.66 9.48 -1.20
CA SER A 122 14.28 9.40 -0.71
C SER A 122 13.62 8.23 -1.40
N GLY A 123 12.63 7.64 -0.73
CA GLY A 123 11.93 6.49 -1.25
C GLY A 123 10.79 6.94 -2.15
N THR A 124 9.97 5.98 -2.53
CA THR A 124 8.87 6.25 -3.45
C THR A 124 7.58 5.67 -2.88
N LEU A 125 6.48 6.40 -3.04
CA LEU A 125 5.19 5.92 -2.59
C LEU A 125 4.61 4.98 -3.64
N LEU A 126 4.32 3.73 -3.23
CA LEU A 126 3.95 2.68 -4.18
C LEU A 126 2.56 2.90 -4.75
N TRP A 127 2.39 2.57 -6.03
CA TRP A 127 1.08 2.28 -6.60
C TRP A 127 0.77 0.80 -6.43
N GLU A 128 -0.49 0.48 -6.11
CA GLU A 128 -0.89 -0.88 -5.78
C GLU A 128 -2.27 -1.16 -6.32
N ILE A 129 -2.63 -2.43 -6.39
CA ILE A 129 -4.02 -2.85 -6.62
C ILE A 129 -4.69 -2.97 -5.26
N PRO A 130 -5.88 -2.40 -5.06
CA PRO A 130 -6.54 -2.50 -3.76
C PRO A 130 -6.70 -3.94 -3.31
N LYS A 131 -6.41 -4.21 -2.03
CA LYS A 131 -6.49 -5.55 -1.49
C LYS A 131 -6.46 -5.47 0.03
N GLY A 132 -6.90 -6.55 0.69
CA GLY A 132 -6.78 -6.64 2.13
C GLY A 132 -6.92 -8.05 2.64
N LYS A 133 -6.98 -8.18 4.00
CA LYS A 133 -7.09 -9.44 4.74
C LYS A 133 -8.53 -9.89 4.87
N PRO A 134 -8.86 -11.14 4.59
CA PRO A 134 -10.23 -11.61 4.87
C PRO A 134 -10.53 -11.56 6.35
N LYS A 135 -11.76 -11.14 6.67
CA LYS A 135 -12.30 -11.30 8.01
C LYS A 135 -12.66 -12.76 8.26
N GLU A 136 -12.94 -13.05 9.54
CA GLU A 136 -13.23 -14.42 9.93
C GLU A 136 -14.41 -14.97 9.16
N ASP A 137 -14.25 -16.18 8.62
CA ASP A 137 -15.33 -16.87 7.93
C ASP A 137 -15.89 -16.05 6.77
N GLU A 138 -15.06 -15.17 6.21
CA GLU A 138 -15.40 -14.40 5.01
C GLU A 138 -14.84 -15.12 3.78
N SER A 139 -15.62 -15.16 2.71
CA SER A 139 -15.13 -15.82 1.52
C SER A 139 -14.15 -14.90 0.79
N ASP A 140 -13.34 -15.49 -0.10
CA ASP A 140 -12.33 -14.72 -0.81
C ASP A 140 -12.95 -13.59 -1.61
N LEU A 141 -14.02 -13.88 -2.35
CA LEU A 141 -14.64 -12.85 -3.17
C LEU A 141 -15.25 -11.76 -2.32
N THR A 142 -15.90 -12.14 -1.21
CA THR A 142 -16.50 -11.14 -0.33
C THR A 142 -15.44 -10.20 0.23
N CYS A 143 -14.27 -10.74 0.55
CA CYS A 143 -13.17 -9.90 1.02
C CYS A 143 -12.72 -8.90 -0.05
N ALA A 144 -12.46 -9.39 -1.28
CA ALA A 144 -12.03 -8.49 -2.34
C ALA A 144 -13.03 -7.38 -2.58
N ILE A 145 -14.32 -7.68 -2.49
CA ILE A 145 -15.34 -6.68 -2.78
C ILE A 145 -15.46 -5.70 -1.63
N ARG A 146 -15.47 -6.20 -0.40
CA ARG A 146 -15.49 -5.31 0.75
C ARG A 146 -14.27 -4.40 0.75
N GLU A 147 -13.09 -4.98 0.56
CA GLU A 147 -11.86 -4.20 0.58
C GLU A 147 -11.85 -3.13 -0.52
N PHE A 148 -12.28 -3.50 -1.72
CA PHE A 148 -12.33 -2.52 -2.81
C PHE A 148 -13.17 -1.32 -2.40
N GLU A 149 -14.41 -1.56 -1.95
CA GLU A 149 -15.29 -0.49 -1.53
C GLU A 149 -14.68 0.33 -0.40
N GLU A 150 -14.07 -0.33 0.58
CA GLU A 150 -13.53 0.37 1.75
C GLU A 150 -12.40 1.32 1.35
N GLU A 151 -11.58 0.92 0.37
CA GLU A 151 -10.42 1.72 0.01
C GLU A 151 -10.79 2.83 -0.97
N THR A 152 -11.63 2.52 -1.96
CA THR A 152 -11.91 3.40 -3.07
C THR A 152 -13.28 4.06 -3.01
N GLY A 153 -14.19 3.55 -2.21
CA GLY A 153 -15.53 4.09 -2.22
C GLY A 153 -16.39 3.70 -3.40
N ILE A 154 -15.91 2.80 -4.26
CA ILE A 154 -16.67 2.35 -5.43
C ILE A 154 -17.51 1.16 -5.01
N THR A 155 -18.82 1.25 -5.19
CA THR A 155 -19.74 0.22 -4.71
C THR A 155 -20.09 -0.76 -5.83
N ARG A 156 -20.74 -1.86 -5.44
CA ARG A 156 -20.94 -3.00 -6.34
C ARG A 156 -21.80 -2.65 -7.55
N GLU A 157 -22.65 -1.62 -7.46
CA GLU A 157 -23.47 -1.26 -8.60
C GLU A 157 -22.67 -0.69 -9.78
N TYR A 158 -21.38 -0.44 -9.60
CA TYR A 158 -20.59 0.13 -10.68
C TYR A 158 -19.89 -0.93 -11.54
N TYR A 159 -19.88 -2.20 -11.15
CA TYR A 159 -19.09 -3.17 -11.90
C TYR A 159 -19.69 -4.56 -11.80
N GLN A 160 -19.31 -5.40 -12.74
CA GLN A 160 -19.67 -6.81 -12.72
C GLN A 160 -18.39 -7.63 -12.56
N ILE A 161 -18.42 -8.57 -11.62
CA ILE A 161 -17.31 -9.50 -11.45
C ILE A 161 -17.24 -10.41 -12.67
N LEU A 162 -16.03 -10.69 -13.12
CA LEU A 162 -15.83 -11.65 -14.20
C LEU A 162 -15.25 -12.90 -13.59
N PRO A 163 -16.08 -13.89 -13.23
CA PRO A 163 -15.63 -14.93 -12.28
C PRO A 163 -14.64 -15.93 -12.86
N GLU A 164 -14.46 -15.98 -14.18
CA GLU A 164 -13.50 -16.94 -14.72
C GLU A 164 -12.05 -16.54 -14.45
N PHE A 165 -11.79 -15.30 -14.04
CA PHE A 165 -10.43 -14.82 -13.81
C PHE A 165 -10.07 -14.87 -12.34
N LYS A 166 -8.92 -15.49 -12.04
CA LYS A 166 -8.29 -15.42 -10.73
C LYS A 166 -6.79 -15.46 -10.94
N LYS A 167 -6.07 -14.53 -10.32
CA LYS A 167 -4.61 -14.45 -10.40
C LYS A 167 -4.04 -14.51 -8.98
N SER A 168 -3.14 -15.46 -8.74
CA SER A 168 -2.43 -15.54 -7.46
C SER A 168 -0.96 -15.19 -7.64
N MET A 169 -0.41 -14.47 -6.66
CA MET A 169 1.00 -14.11 -6.66
C MET A 169 1.62 -14.52 -5.32
N SER A 170 2.86 -14.97 -5.36
CA SER A 170 3.57 -15.38 -4.16
C SER A 170 4.87 -14.60 -4.04
N TYR A 171 5.12 -14.08 -2.85
CA TYR A 171 6.38 -13.42 -2.53
C TYR A 171 6.91 -14.00 -1.23
N PHE A 172 8.23 -14.07 -1.10
CA PHE A 172 8.90 -14.69 0.03
C PHE A 172 9.86 -13.69 0.68
N ASP A 173 9.57 -13.35 1.94
CA ASP A 173 10.40 -12.46 2.76
C ASP A 173 11.65 -13.15 3.28
N GLY A 174 11.59 -14.45 3.50
CA GLY A 174 12.68 -15.19 4.09
C GLY A 174 12.10 -16.02 5.21
N LYS A 175 11.09 -15.47 5.85
CA LYS A 175 10.28 -16.20 6.81
C LYS A 175 8.79 -16.05 6.59
N THR A 176 8.37 -14.93 6.01
CA THR A 176 6.97 -14.68 5.72
C THR A 176 6.68 -15.02 4.28
N GLU A 177 5.66 -15.83 4.07
CA GLU A 177 5.14 -16.03 2.73
C GLU A 177 3.95 -15.11 2.55
N TYR A 178 3.92 -14.41 1.42
CA TYR A 178 2.83 -13.53 1.05
C TYR A 178 2.07 -14.14 -0.11
N LYS A 179 0.77 -14.34 0.07
CA LYS A 179 -0.13 -14.78 -0.98
C LYS A 179 -1.08 -13.63 -1.32
N HIS A 180 -1.09 -13.20 -2.59
CA HIS A 180 -2.02 -12.19 -3.06
C HIS A 180 -2.93 -12.80 -4.12
N ILE A 181 -4.24 -12.70 -3.92
CA ILE A 181 -5.22 -13.30 -4.81
C ILE A 181 -6.09 -12.19 -5.38
N TYR A 182 -6.19 -12.15 -6.70
CA TYR A 182 -6.90 -11.06 -7.37
C TYR A 182 -8.06 -11.58 -8.21
N PHE A 183 -9.22 -10.98 -8.00
CA PHE A 183 -10.35 -11.14 -8.89
C PHE A 183 -10.34 -10.01 -9.93
N LEU A 184 -11.27 -10.10 -10.86
CA LEU A 184 -11.35 -9.13 -11.94
C LEU A 184 -12.79 -8.66 -12.09
N ALA A 185 -12.95 -7.35 -12.24
CA ALA A 185 -14.27 -6.74 -12.39
C ALA A 185 -14.23 -5.78 -13.56
N MET A 186 -15.37 -5.64 -14.23
CA MET A 186 -15.47 -4.75 -15.38
C MET A 186 -16.51 -3.69 -15.09
N LEU A 187 -16.11 -2.43 -15.19
CA LEU A 187 -17.00 -1.29 -14.95
C LEU A 187 -18.20 -1.28 -15.89
N CYS A 188 -19.40 -1.17 -15.32
CA CYS A 188 -20.63 -1.14 -16.11
C CYS A 188 -21.45 0.13 -15.86
N LYS A 189 -20.81 1.16 -15.32
CA LYS A 189 -21.48 2.41 -14.99
C LYS A 189 -20.40 3.48 -14.90
N SER A 190 -20.69 4.66 -15.46
CA SER A 190 -19.69 5.70 -15.64
C SER A 190 -19.05 6.10 -14.31
N LEU A 191 -17.74 6.27 -14.33
CA LEU A 191 -17.02 6.73 -13.15
C LEU A 191 -15.73 7.35 -13.62
N GLU A 192 -15.78 8.63 -14.01
CA GLU A 192 -14.71 9.26 -14.74
C GLU A 192 -13.60 9.82 -13.84
N GLU A 193 -13.90 10.10 -12.57
CA GLU A 193 -12.94 10.68 -11.62
C GLU A 193 -12.94 9.90 -10.31
N PRO A 194 -12.35 8.71 -10.29
CA PRO A 194 -12.33 7.96 -9.03
C PRO A 194 -11.59 8.69 -7.93
N ASN A 195 -10.64 9.57 -8.26
CA ASN A 195 -9.94 10.29 -7.21
C ASN A 195 -10.87 11.18 -6.40
N MET A 196 -12.02 11.61 -6.96
CA MET A 196 -12.94 12.42 -6.18
C MET A 196 -13.55 11.64 -5.02
N ASN A 197 -13.38 10.31 -4.96
CA ASN A 197 -13.89 9.58 -3.80
C ASN A 197 -12.97 9.68 -2.59
N LEU A 198 -11.78 10.26 -2.76
CA LEU A 198 -10.84 10.43 -1.64
C LEU A 198 -11.19 11.71 -0.89
N SER A 199 -11.80 11.58 0.30
CA SER A 199 -12.07 12.71 1.18
C SER A 199 -11.73 12.32 2.60
N LEU A 200 -11.39 13.33 3.41
CA LEU A 200 -11.02 13.06 4.80
C LEU A 200 -12.23 12.67 5.66
N GLN A 201 -13.45 12.78 5.14
CA GLN A 201 -14.58 12.32 5.93
C GLN A 201 -14.75 10.81 5.87
N TYR A 202 -13.99 10.13 5.02
CA TYR A 202 -14.02 8.67 4.89
C TYR A 202 -12.66 8.13 5.34
N GLU A 203 -12.56 7.81 6.64
CA GLU A 203 -11.28 7.46 7.26
C GLU A 203 -10.65 6.22 6.63
N ASN A 204 -11.46 5.31 6.10
CA ASN A 204 -10.90 4.09 5.54
C ASN A 204 -10.31 4.31 4.15
N ARG A 205 -10.81 5.29 3.41
CA ARG A 205 -10.20 5.56 2.11
C ARG A 205 -8.87 6.29 2.26
N ILE A 206 -8.80 7.31 3.11
CA ILE A 206 -7.55 8.05 3.25
C ILE A 206 -6.58 7.43 4.24
N ALA A 207 -6.98 6.37 4.96
CA ALA A 207 -6.09 5.75 5.93
C ALA A 207 -4.71 5.42 5.33
N GLU A 208 -4.70 4.78 4.14
CA GLU A 208 -3.43 4.43 3.53
C GLU A 208 -3.26 4.90 2.10
N ILE A 209 -4.11 5.81 1.62
CA ILE A 209 -4.17 6.13 0.19
C ILE A 209 -4.08 7.64 -0.01
N SER A 210 -3.22 8.07 -0.95
CA SER A 210 -3.11 9.47 -1.32
C SER A 210 -3.66 9.77 -2.70
N LYS A 211 -3.99 8.76 -3.50
CA LYS A 211 -4.51 9.00 -4.83
C LYS A 211 -5.15 7.73 -5.38
N ILE A 212 -6.24 7.89 -6.11
CA ILE A 212 -6.89 6.81 -6.84
C ILE A 212 -6.99 7.24 -8.29
N SER A 213 -6.53 6.40 -9.22
CA SER A 213 -6.55 6.84 -10.62
C SER A 213 -6.81 5.66 -11.56
N TRP A 214 -7.46 5.97 -12.69
CA TRP A 214 -7.44 5.08 -13.83
C TRP A 214 -6.05 5.04 -14.43
N GLN A 215 -5.57 3.84 -14.76
CA GLN A 215 -4.24 3.73 -15.34
C GLN A 215 -4.26 2.78 -16.53
N ASN A 216 -3.76 3.24 -17.68
CA ASN A 216 -3.66 2.38 -18.85
C ASN A 216 -2.37 1.57 -18.78
N MET A 217 -2.14 0.70 -19.76
CA MET A 217 -1.04 -0.27 -19.62
C MET A 217 0.32 0.42 -19.72
N GLU A 218 0.43 1.45 -20.58
CA GLU A 218 1.66 2.23 -20.67
C GLU A 218 2.01 2.86 -19.32
N ALA A 219 1.03 3.47 -18.65
CA ALA A 219 1.25 3.99 -17.30
C ALA A 219 1.62 2.87 -16.32
N VAL A 220 0.93 1.73 -16.40
CA VAL A 220 1.27 0.60 -15.52
C VAL A 220 2.72 0.20 -15.73
N ARG A 221 3.15 0.13 -16.97
CA ARG A 221 4.55 -0.20 -17.23
C ARG A 221 5.49 0.90 -16.73
N PHE A 222 5.17 2.16 -17.02
CA PHE A 222 5.97 3.28 -16.52
C PHE A 222 6.16 3.20 -15.02
N ILE A 223 5.05 3.06 -14.29
CA ILE A 223 5.12 2.97 -12.84
C ILE A 223 5.94 1.75 -12.40
N SER A 224 5.65 0.59 -12.99
CA SER A 224 6.30 -0.65 -12.54
C SER A 224 7.82 -0.56 -12.64
N LYS A 225 8.34 0.10 -13.68
CA LYS A 225 9.79 0.22 -13.81
C LYS A 225 10.39 1.21 -12.83
N ARG A 226 9.59 1.88 -12.00
CA ARG A 226 10.14 2.89 -11.10
C ARG A 226 9.77 2.60 -9.65
N GLN A 227 9.45 1.35 -9.33
CA GLN A 227 9.13 1.00 -7.96
C GLN A 227 9.41 -0.48 -7.76
N SER A 228 9.48 -0.89 -6.49
CA SER A 228 9.86 -2.26 -6.21
C SER A 228 8.73 -3.23 -6.48
N PHE A 229 7.47 -2.77 -6.49
CA PHE A 229 6.32 -3.64 -6.64
C PHE A 229 5.94 -3.72 -8.12
N ASN A 230 6.21 -4.88 -8.74
CA ASN A 230 5.94 -5.05 -10.17
C ASN A 230 4.47 -5.35 -10.43
N LEU A 231 3.77 -4.46 -11.14
CA LEU A 231 2.34 -4.65 -11.38
C LEU A 231 2.03 -5.42 -12.67
N GLU A 232 2.98 -5.48 -13.59
CA GLU A 232 2.73 -6.13 -14.88
C GLU A 232 2.28 -7.57 -14.79
N PRO A 233 2.84 -8.43 -13.90
CA PRO A 233 2.36 -9.83 -13.84
C PRO A 233 0.89 -9.97 -13.48
N MET A 234 0.26 -8.96 -12.89
CA MET A 234 -1.18 -9.03 -12.62
C MET A 234 -1.99 -8.26 -13.65
N ILE A 235 -1.56 -7.07 -14.08
CA ILE A 235 -2.39 -6.28 -14.98
C ILE A 235 -2.33 -6.85 -16.40
N GLY A 236 -1.16 -7.31 -16.83
CA GLY A 236 -1.03 -7.87 -18.15
C GLY A 236 -2.04 -8.96 -18.42
N PRO A 237 -2.04 -10.01 -17.59
CA PRO A 237 -3.08 -11.05 -17.77
C PRO A 237 -4.47 -10.51 -17.63
N ALA A 238 -4.69 -9.56 -16.71
CA ALA A 238 -6.04 -9.03 -16.53
C ALA A 238 -6.54 -8.34 -17.79
N PHE A 239 -5.69 -7.49 -18.41
CA PHE A 239 -6.09 -6.80 -19.63
C PHE A 239 -6.26 -7.79 -20.77
N ASN A 240 -5.43 -8.82 -20.83
CA ASN A 240 -5.63 -9.86 -21.82
C ASN A 240 -7.02 -10.45 -21.69
N PHE A 241 -7.41 -10.79 -20.46
CA PHE A 241 -8.75 -11.32 -20.25
C PHE A 241 -9.82 -10.32 -20.67
N ILE A 242 -9.63 -9.04 -20.36
CA ILE A 242 -10.61 -8.02 -20.73
C ILE A 242 -10.79 -7.98 -22.24
N LYS A 243 -9.68 -8.04 -23.00
CA LYS A 243 -9.75 -8.00 -24.45
C LYS A 243 -10.54 -9.18 -25.02
N ASN A 244 -10.33 -10.39 -24.47
CA ASN A 244 -11.08 -11.55 -24.93
C ASN A 244 -12.55 -11.43 -24.56
N TYR A 245 -12.83 -10.90 -23.38
CA TYR A 245 -14.20 -10.73 -22.94
C TYR A 245 -14.96 -9.79 -23.89
N LEU A 246 -14.34 -8.65 -24.23
CA LEU A 246 -14.99 -7.68 -25.10
C LEU A 246 -15.11 -8.17 -26.53
N ARG A 247 -14.10 -8.89 -27.03
CA ARG A 247 -14.12 -9.32 -28.43
C ARG A 247 -15.15 -10.42 -28.70
N TYR A 248 -15.85 -10.90 -27.68
CA TYR A 248 -16.89 -11.93 -27.87
C TYR A 248 -18.29 -11.32 -27.81
#